data_3RF1
#
_entry.id   3RF1
#
_cell.length_a   112.662
_cell.length_b   112.662
_cell.length_c   158.282
_cell.angle_alpha   90.00
_cell.angle_beta   90.00
_cell.angle_gamma   120.00
#
_symmetry.space_group_name_H-M   'H 3'
#
loop_
_entity.id
_entity.type
_entity.pdbx_description
1 polymer 'Glycyl-tRNA synthetase alpha subunit'
2 non-polymer '(2S)-2-hydroxybutanedioic acid'
3 non-polymer GLYCEROL
4 water water
#
_entity_poly.entity_id   1
_entity_poly.type   'polypeptide(L)'
_entity_poly.pdbx_seq_one_letter_code
;(MSE)HHHHHHSSGVDLGTENLYFQSNA(MSE)TFSQ(MSE)ILNLQNYWQEQGCAI(MSE)QPYD(MSE)PAGAGTFHP
ATFLRSLGKKPWAAAYVAPSRRPTDGRYGENPNRLGAYYQFQVLIKPSPDNIQELYLKSLENLGFDLKSHDIRFVEDNWE
SPSLGAWGLGWEVWLDG(MSE)EVTQFTYFQQVGGIAVDLVSAEITYGLERIA(MSE)YLQNVDNVYDIVWSEFNGEKIK
YADVHKQSEYEFSKYNFEVSDVKILNEQFENSYKECKNILEQGLALPAYDYC(MSE)LAAHTFNLLDARGAISVAQRQDY
(MSE)LKIRELSKNCAEIYKKNLNEAE
;
_entity_poly.pdbx_strand_id   A,B
#
# COMPACT_ATOMS: atom_id res chain seq x y z
N ASN A 17 21.93 -2.16 -28.12
CA ASN A 17 22.66 -3.27 -27.54
C ASN A 17 23.54 -2.84 -26.37
N LEU A 18 22.96 -2.10 -25.44
CA LEU A 18 23.65 -1.72 -24.22
C LEU A 18 22.97 -2.44 -23.07
N TYR A 19 21.65 -2.62 -23.20
CA TYR A 19 20.87 -3.28 -22.16
C TYR A 19 20.22 -4.56 -22.66
N PHE A 20 20.30 -5.58 -21.81
CA PHE A 20 19.69 -6.88 -22.09
C PHE A 20 18.84 -7.28 -20.92
N GLN A 21 17.71 -7.92 -21.21
CA GLN A 21 16.84 -8.43 -20.18
C GLN A 21 17.50 -9.60 -19.43
N SER A 22 18.33 -10.36 -20.14
CA SER A 22 19.06 -11.50 -19.57
C SER A 22 19.98 -11.11 -18.43
N ASN A 23 20.37 -9.84 -18.43
CA ASN A 23 21.40 -9.35 -17.53
C ASN A 23 20.97 -8.10 -16.79
N ALA A 24 19.67 -7.84 -16.76
CA ALA A 24 19.18 -6.62 -16.14
C ALA A 24 18.46 -6.92 -14.84
N THR A 26 15.55 -7.23 -12.28
CA THR A 26 14.11 -7.41 -12.39
C THR A 26 13.41 -6.23 -11.73
N PHE A 27 12.11 -6.10 -11.98
CA PHE A 27 11.34 -4.97 -11.46
C PHE A 27 11.49 -4.91 -9.94
N SER A 28 11.44 -6.09 -9.32
CA SER A 28 11.60 -6.25 -7.87
C SER A 28 12.94 -5.73 -7.35
N GLN A 29 14.01 -6.13 -8.03
CA GLN A 29 15.36 -5.68 -7.66
C GLN A 29 15.50 -4.18 -7.77
N ILE A 31 13.24 -1.88 -7.47
CA ILE A 31 12.59 -1.24 -6.34
C ILE A 31 13.42 -1.36 -5.06
N LEU A 32 13.98 -2.54 -4.77
CA LEU A 32 14.80 -2.71 -3.57
C LEU A 32 16.07 -1.85 -3.65
N ASN A 33 16.65 -1.79 -4.84
CA ASN A 33 17.82 -0.96 -5.10
C ASN A 33 17.56 0.55 -4.89
N LEU A 34 16.42 1.04 -5.35
CA LEU A 34 16.08 2.44 -5.15
C LEU A 34 15.88 2.73 -3.68
N GLN A 35 15.10 1.89 -3.00
CA GLN A 35 14.86 2.07 -1.58
C GLN A 35 16.18 2.09 -0.82
N ASN A 36 17.04 1.13 -1.12
CA ASN A 36 18.35 1.09 -0.49
C ASN A 36 19.17 2.33 -0.80
N TYR A 37 19.18 2.74 -2.06
CA TYR A 37 19.94 3.93 -2.47
C TYR A 37 19.50 5.19 -1.75
N TRP A 38 18.19 5.40 -1.66
CA TRP A 38 17.71 6.64 -1.05
C TRP A 38 17.80 6.59 0.46
N GLN A 39 17.86 5.38 1.01
CA GLN A 39 18.04 5.28 2.45
C GLN A 39 19.41 5.80 2.82
N GLU A 40 20.39 5.49 1.97
CA GLU A 40 21.74 5.95 2.20
C GLU A 40 21.89 7.45 1.97
N GLN A 41 20.86 8.10 1.44
CA GLN A 41 20.88 9.56 1.28
C GLN A 41 20.13 10.23 2.41
N GLY A 42 19.66 9.44 3.37
CA GLY A 42 19.04 9.99 4.56
C GLY A 42 17.54 9.80 4.63
N CYS A 43 16.96 9.15 3.63
CA CYS A 43 15.51 8.98 3.56
C CYS A 43 15.05 7.86 4.45
N ALA A 44 13.96 8.10 5.17
CA ALA A 44 13.27 7.05 5.90
C ALA A 44 12.32 6.35 4.95
N ILE A 45 12.56 5.08 4.68
CA ILE A 45 11.68 4.30 3.83
C ILE A 45 10.31 4.10 4.46
N GLN A 47 6.06 2.87 3.69
CA GLN A 47 5.31 1.88 2.90
C GLN A 47 4.19 2.56 2.12
N PRO A 48 3.84 2.01 0.96
CA PRO A 48 2.67 2.49 0.22
C PRO A 48 1.49 2.64 1.18
N TYR A 49 0.72 3.71 1.01
CA TYR A 49 -0.45 3.94 1.85
C TYR A 49 -1.57 2.94 1.46
N ASP A 50 -2.56 2.78 2.33
CA ASP A 50 -3.60 1.77 2.09
C ASP A 50 -4.98 2.35 1.73
N PRO A 52 -6.68 4.23 -2.04
CA PRO A 52 -6.31 4.43 -3.45
C PRO A 52 -5.85 5.88 -3.66
N ALA A 53 -4.80 6.09 -4.45
CA ALA A 53 -4.32 7.44 -4.76
C ALA A 53 -3.81 7.49 -6.19
N GLY A 54 -3.87 8.65 -6.81
CA GLY A 54 -3.47 8.78 -8.20
C GLY A 54 -2.00 9.11 -8.38
N ALA A 55 -1.29 9.33 -7.29
CA ALA A 55 0.13 9.68 -7.32
C ALA A 55 0.67 9.57 -5.92
N GLY A 56 1.95 9.24 -5.80
CA GLY A 56 2.58 9.21 -4.48
C GLY A 56 2.44 10.51 -3.72
N THR A 57 2.26 11.59 -4.47
CA THR A 57 2.06 12.89 -3.86
C THR A 57 0.91 12.88 -2.85
N PHE A 58 -0.15 12.11 -3.13
CA PHE A 58 -1.32 12.02 -2.23
C PHE A 58 -1.08 11.31 -0.90
N HIS A 59 -0.07 10.45 -0.85
CA HIS A 59 0.28 9.73 0.38
C HIS A 59 0.55 10.82 1.43
N PRO A 60 0.00 10.68 2.65
CA PRO A 60 0.19 11.67 3.71
C PRO A 60 1.66 11.95 3.97
N ALA A 61 2.50 10.94 3.73
CA ALA A 61 3.94 11.07 3.94
C ALA A 61 4.52 12.15 3.01
N THR A 62 3.77 12.55 1.98
CA THR A 62 4.15 13.71 1.18
C THR A 62 3.22 14.90 1.41
N PHE A 63 1.94 14.73 1.13
CA PHE A 63 1.03 15.84 1.23
C PHE A 63 1.14 16.53 2.60
N LEU A 64 0.91 15.78 3.66
CA LEU A 64 0.86 16.38 4.99
C LEU A 64 2.24 16.71 5.55
N ARG A 65 3.21 15.83 5.33
CA ARG A 65 4.55 16.01 5.86
C ARG A 65 5.28 17.21 5.25
N SER A 66 4.87 17.60 4.05
CA SER A 66 5.48 18.72 3.35
C SER A 66 5.12 20.01 4.06
N LEU A 67 4.14 19.94 4.96
CA LEU A 67 3.68 21.11 5.70
C LEU A 67 4.50 21.35 6.96
N GLY A 68 4.65 22.62 7.33
CA GLY A 68 5.32 22.96 8.57
C GLY A 68 6.84 23.03 8.47
N LYS A 69 7.48 23.28 9.60
CA LYS A 69 8.91 23.59 9.60
C LYS A 69 9.80 22.39 9.94
N LYS A 70 9.22 21.32 10.46
CA LYS A 70 10.01 20.13 10.79
C LYS A 70 10.51 19.45 9.52
N PRO A 71 11.83 19.20 9.45
CA PRO A 71 12.42 18.49 8.31
C PRO A 71 11.82 17.08 8.15
N TRP A 72 11.86 16.60 6.91
CA TRP A 72 11.34 15.28 6.61
C TRP A 72 12.05 14.80 5.36
N ALA A 73 12.43 13.53 5.37
CA ALA A 73 13.07 12.93 4.20
C ALA A 73 12.59 11.50 4.14
N ALA A 74 11.98 11.15 3.00
CA ALA A 74 11.27 9.90 2.87
C ALA A 74 11.32 9.41 1.44
N ALA A 75 11.33 8.09 1.26
CA ALA A 75 11.24 7.45 -0.04
C ALA A 75 10.28 6.26 0.10
N TYR A 76 9.49 5.99 -0.94
CA TYR A 76 8.57 4.84 -0.91
C TYR A 76 8.04 4.53 -2.31
N VAL A 77 7.66 3.29 -2.52
CA VAL A 77 6.96 2.92 -3.73
C VAL A 77 5.56 3.43 -3.56
N ALA A 78 4.99 3.94 -4.64
CA ALA A 78 3.66 4.52 -4.63
C ALA A 78 2.82 3.90 -5.73
N PRO A 79 2.19 2.75 -5.45
CA PRO A 79 1.23 2.20 -6.42
C PRO A 79 0.16 3.27 -6.64
N SER A 80 -0.12 3.57 -7.90
CA SER A 80 -1.04 4.66 -8.20
C SER A 80 -2.17 4.21 -9.12
N ARG A 81 -3.35 4.74 -8.91
CA ARG A 81 -4.49 4.40 -9.75
C ARG A 81 -4.98 5.60 -10.52
N ARG A 82 -5.11 5.43 -11.83
CA ARG A 82 -5.63 6.46 -12.70
C ARG A 82 -6.72 5.87 -13.60
N PRO A 83 -7.94 5.74 -13.04
CA PRO A 83 -9.09 5.16 -13.74
C PRO A 83 -9.22 5.61 -15.21
N THR A 84 -9.01 6.89 -15.51
CA THR A 84 -9.22 7.35 -16.89
C THR A 84 -8.17 6.82 -17.87
N ASP A 85 -7.05 6.35 -17.32
CA ASP A 85 -5.92 5.84 -18.13
C ASP A 85 -6.01 4.35 -18.47
N GLY A 86 -7.01 3.65 -17.91
CA GLY A 86 -7.15 2.23 -18.15
C GLY A 86 -7.26 1.93 -19.63
N ARG A 87 -6.56 0.90 -20.08
CA ARG A 87 -6.57 0.49 -21.48
C ARG A 87 -6.93 -0.99 -21.68
N TYR A 88 -7.59 -1.59 -20.68
CA TYR A 88 -8.07 -2.97 -20.78
C TYR A 88 -6.93 -3.98 -20.91
N GLY A 89 -5.73 -3.58 -20.51
CA GLY A 89 -4.56 -4.41 -20.65
C GLY A 89 -4.06 -4.57 -22.07
N GLU A 90 -4.58 -3.75 -22.99
CA GLU A 90 -4.28 -3.90 -24.43
C GLU A 90 -3.16 -2.99 -24.94
N ASN A 91 -2.78 -1.99 -24.17
CA ASN A 91 -1.83 -1.00 -24.61
C ASN A 91 -0.44 -1.30 -24.07
N PRO A 92 0.58 -1.28 -24.93
CA PRO A 92 1.92 -1.62 -24.42
C PRO A 92 2.55 -0.57 -23.50
N ASN A 93 1.93 0.60 -23.33
CA ASN A 93 2.55 1.69 -22.58
C ASN A 93 1.68 2.32 -21.52
N ARG A 94 0.39 2.37 -21.80
CA ARG A 94 -0.53 3.11 -20.92
C ARG A 94 -1.28 2.16 -19.97
N LEU A 95 -1.14 2.43 -18.68
CA LEU A 95 -1.71 1.61 -17.61
C LEU A 95 -2.74 2.37 -16.77
N GLY A 96 -3.81 1.69 -16.36
CA GLY A 96 -4.78 2.29 -15.44
C GLY A 96 -4.29 2.35 -13.99
N ALA A 97 -3.23 1.60 -13.71
CA ALA A 97 -2.64 1.50 -12.37
C ALA A 97 -1.18 1.18 -12.58
N TYR A 98 -0.30 1.82 -11.84
CA TYR A 98 1.11 1.63 -12.09
C TYR A 98 1.96 2.02 -10.87
N TYR A 99 3.25 1.69 -10.91
CA TYR A 99 4.13 1.92 -9.76
C TYR A 99 5.05 3.14 -9.97
N GLN A 100 4.84 4.19 -9.16
CA GLN A 100 5.78 5.29 -9.03
C GLN A 100 6.78 4.98 -7.94
N PHE A 101 7.95 5.57 -8.01
CA PHE A 101 8.79 5.60 -6.83
C PHE A 101 8.92 7.03 -6.39
N GLN A 102 8.60 7.27 -5.12
CA GLN A 102 8.50 8.63 -4.62
C GLN A 102 9.63 8.98 -3.68
N VAL A 103 10.31 10.09 -3.97
CA VAL A 103 11.30 10.66 -3.06
C VAL A 103 10.88 12.07 -2.65
N LEU A 104 10.91 12.32 -1.35
CA LEU A 104 10.51 13.60 -0.76
C LEU A 104 11.57 14.03 0.24
N ILE A 105 12.29 15.09 -0.08
CA ILE A 105 13.32 15.63 0.81
C ILE A 105 13.04 17.10 1.10
N LYS A 106 12.84 17.38 2.38
CA LYS A 106 12.46 18.70 2.85
C LYS A 106 13.40 19.12 3.98
N PRO A 107 14.22 20.16 3.74
CA PRO A 107 14.33 20.98 2.54
C PRO A 107 15.20 20.32 1.47
N SER A 108 15.02 20.73 0.22
CA SER A 108 15.79 20.12 -0.86
C SER A 108 17.26 20.41 -0.70
N PRO A 109 18.09 19.40 -0.94
CA PRO A 109 19.54 19.58 -0.94
C PRO A 109 19.92 20.37 -2.17
N ASP A 110 21.18 20.79 -2.26
CA ASP A 110 21.66 21.53 -3.43
C ASP A 110 21.91 20.53 -4.55
N ASN A 111 22.41 19.36 -4.19
CA ASN A 111 22.85 18.35 -5.14
C ASN A 111 21.74 17.40 -5.55
N ILE A 112 20.50 17.87 -5.51
CA ILE A 112 19.34 17.01 -5.78
C ILE A 112 19.42 16.37 -7.18
N GLN A 113 19.93 17.10 -8.16
CA GLN A 113 20.10 16.56 -9.50
C GLN A 113 21.13 15.45 -9.56
N GLU A 114 22.25 15.63 -8.84
CA GLU A 114 23.32 14.64 -8.79
C GLU A 114 22.77 13.39 -8.15
N LEU A 115 22.21 13.58 -6.96
CA LEU A 115 21.63 12.49 -6.20
C LEU A 115 20.77 11.65 -7.13
N TYR A 116 19.97 12.34 -7.95
CA TYR A 116 19.08 11.64 -8.86
C TYR A 116 19.83 10.88 -9.94
N LEU A 117 20.66 11.59 -10.71
CA LEU A 117 21.41 10.98 -11.80
C LEU A 117 22.23 9.77 -11.32
N LYS A 118 22.74 9.86 -10.11
CA LYS A 118 23.52 8.77 -9.54
C LYS A 118 22.62 7.56 -9.26
N SER A 119 21.38 7.79 -8.83
CA SER A 119 20.46 6.68 -8.59
C SER A 119 20.21 5.94 -9.90
N LEU A 120 20.25 6.70 -11.00
CA LEU A 120 20.03 6.10 -12.31
C LEU A 120 21.18 5.18 -12.68
N GLU A 121 22.36 5.54 -12.21
CA GLU A 121 23.54 4.74 -12.46
C GLU A 121 23.50 3.49 -11.61
N ASN A 122 23.01 3.65 -10.40
CA ASN A 122 22.86 2.53 -9.47
C ASN A 122 21.98 1.44 -10.05
N LEU A 123 21.05 1.83 -10.92
CA LEU A 123 20.10 0.91 -11.51
C LEU A 123 20.66 0.21 -12.74
N GLY A 124 21.74 0.75 -13.30
CA GLY A 124 22.39 0.09 -14.43
C GLY A 124 22.49 0.92 -15.68
N PHE A 125 21.92 2.12 -15.65
CA PHE A 125 22.05 3.05 -16.78
C PHE A 125 23.48 3.48 -16.99
N ASP A 126 23.89 3.49 -18.25
CA ASP A 126 25.16 4.06 -18.68
C ASP A 126 24.90 5.49 -19.13
N LEU A 127 25.03 6.45 -18.23
CA LEU A 127 24.51 7.80 -18.49
C LEU A 127 25.01 8.44 -19.79
N LYS A 128 26.28 8.22 -20.12
CA LYS A 128 26.86 8.80 -21.34
C LYS A 128 26.05 8.43 -22.57
N SER A 129 25.75 7.15 -22.72
CA SER A 129 25.02 6.67 -23.88
C SER A 129 23.62 7.23 -24.01
N HIS A 130 23.31 8.22 -23.17
CA HIS A 130 21.95 8.75 -23.11
C HIS A 130 21.88 10.27 -23.22
N ASP A 131 20.80 10.75 -23.83
CA ASP A 131 20.52 12.17 -23.87
C ASP A 131 19.47 12.51 -22.82
N ILE A 132 19.90 13.14 -21.73
CA ILE A 132 19.01 13.47 -20.61
C ILE A 132 18.60 14.95 -20.59
N ARG A 133 17.34 15.22 -20.90
CA ARG A 133 16.81 16.58 -20.95
C ARG A 133 15.90 16.89 -19.76
N PHE A 134 16.14 18.02 -19.11
CA PHE A 134 15.20 18.49 -18.09
C PHE A 134 14.30 19.56 -18.66
N VAL A 135 13.10 19.15 -19.06
CA VAL A 135 12.16 20.05 -19.70
C VAL A 135 11.26 20.67 -18.63
N GLU A 136 11.20 22.00 -18.58
CA GLU A 136 10.43 22.72 -17.58
C GLU A 136 8.93 22.48 -17.71
N ASP A 137 8.27 22.29 -16.56
CA ASP A 137 6.85 21.97 -16.52
C ASP A 137 6.39 22.07 -15.07
N ASN A 138 5.96 23.27 -14.71
CA ASN A 138 5.51 23.54 -13.35
C ASN A 138 4.37 22.63 -12.90
N TRP A 139 4.33 22.40 -11.60
CA TRP A 139 3.29 21.58 -11.02
C TRP A 139 2.12 22.43 -10.50
N GLU A 140 0.97 22.28 -11.16
CA GLU A 140 -0.23 22.98 -10.74
C GLU A 140 -1.30 21.95 -10.39
N SER A 141 -1.76 21.98 -9.13
CA SER A 141 -2.73 21.00 -8.65
C SER A 141 -3.76 21.63 -7.77
N PRO A 142 -4.82 22.18 -8.38
CA PRO A 142 -5.87 22.84 -7.61
C PRO A 142 -6.68 21.87 -6.74
N SER A 143 -6.57 20.57 -7.00
CA SER A 143 -7.17 19.57 -6.13
C SER A 143 -6.48 19.62 -4.78
N LEU A 144 -5.17 19.81 -4.80
CA LEU A 144 -4.41 19.85 -3.56
C LEU A 144 -4.11 21.27 -3.09
N GLY A 145 -4.65 22.27 -3.79
CA GLY A 145 -4.29 23.66 -3.55
C GLY A 145 -2.79 23.87 -3.64
N ALA A 146 -2.16 23.15 -4.56
CA ALA A 146 -0.70 23.08 -4.60
C ALA A 146 -0.08 23.64 -5.87
N TRP A 147 1.16 24.09 -5.74
CA TRP A 147 1.93 24.63 -6.85
C TRP A 147 3.41 24.42 -6.57
N GLY A 148 4.18 24.15 -7.62
CA GLY A 148 5.61 23.98 -7.48
C GLY A 148 6.35 24.19 -8.78
N LEU A 149 7.63 24.50 -8.66
CA LEU A 149 8.51 24.59 -9.81
C LEU A 149 8.81 23.18 -10.23
N GLY A 150 8.64 22.89 -11.51
CA GLY A 150 8.69 21.52 -11.97
C GLY A 150 9.51 21.30 -13.22
N TRP A 151 10.10 20.12 -13.30
CA TRP A 151 10.80 19.64 -14.49
C TRP A 151 10.36 18.22 -14.82
N GLU A 152 10.24 17.91 -16.10
CA GLU A 152 10.08 16.55 -16.53
C GLU A 152 11.45 16.09 -16.98
N VAL A 153 11.80 14.86 -16.67
CA VAL A 153 13.07 14.31 -17.10
C VAL A 153 12.83 13.41 -18.30
N TRP A 154 13.44 13.75 -19.43
CA TRP A 154 13.31 12.97 -20.65
C TRP A 154 14.60 12.23 -20.93
N LEU A 155 14.48 10.95 -21.25
CA LEU A 155 15.65 10.14 -21.55
C LEU A 155 15.43 9.58 -22.94
N ASP A 156 16.27 10.01 -23.90
CA ASP A 156 16.11 9.60 -25.28
C ASP A 156 14.65 9.84 -25.72
N GLY A 157 14.12 11.01 -25.39
CA GLY A 157 12.79 11.37 -25.85
C GLY A 157 11.66 10.62 -25.15
N GLU A 159 9.82 10.32 -21.30
CA GLU A 159 9.71 10.89 -19.97
C GLU A 159 9.80 9.78 -18.91
N VAL A 160 10.71 9.94 -17.95
CA VAL A 160 11.02 8.88 -16.99
C VAL A 160 11.01 9.33 -15.52
N THR A 161 10.83 10.63 -15.27
CA THR A 161 10.84 11.15 -13.92
C THR A 161 10.28 12.57 -13.90
N GLN A 162 9.72 12.95 -12.76
CA GLN A 162 9.31 14.32 -12.52
C GLN A 162 10.05 14.84 -11.30
N PHE A 163 10.48 16.09 -11.40
CA PHE A 163 11.12 16.84 -10.33
C PHE A 163 10.20 17.99 -10.00
N THR A 164 9.88 18.15 -8.73
CA THR A 164 9.07 19.27 -8.32
C THR A 164 9.63 19.89 -7.05
N TYR A 165 9.63 21.23 -6.97
CA TYR A 165 9.94 21.88 -5.73
C TYR A 165 8.67 22.54 -5.22
N PHE A 166 8.09 21.94 -4.18
CA PHE A 166 6.87 22.45 -3.57
C PHE A 166 7.00 23.91 -3.09
N GLN A 167 6.08 24.79 -3.49
CA GLN A 167 6.03 26.16 -2.99
C GLN A 167 4.77 26.40 -2.19
N GLN A 168 3.68 25.79 -2.64
CA GLN A 168 2.38 25.97 -2.02
C GLN A 168 1.68 24.62 -1.93
N VAL A 169 1.04 24.35 -0.80
CA VAL A 169 0.35 23.08 -0.60
C VAL A 169 -0.88 23.32 0.28
N GLY A 170 -2.03 22.78 -0.13
CA GLY A 170 -3.26 22.99 0.62
C GLY A 170 -3.60 24.48 0.68
N GLY A 171 -3.16 25.23 -0.32
CA GLY A 171 -3.35 26.68 -0.36
C GLY A 171 -2.42 27.42 0.60
N ILE A 172 -1.51 26.68 1.21
CA ILE A 172 -0.62 27.20 2.24
C ILE A 172 0.77 27.31 1.66
N ALA A 173 1.40 28.47 1.82
CA ALA A 173 2.77 28.62 1.38
C ALA A 173 3.64 27.83 2.34
N VAL A 174 4.57 27.04 1.80
CA VAL A 174 5.38 26.18 2.65
C VAL A 174 6.40 26.96 3.46
N ASP A 175 6.82 26.41 4.59
CA ASP A 175 7.86 27.03 5.39
C ASP A 175 9.22 26.60 4.82
N LEU A 176 9.32 25.32 4.46
CA LEU A 176 10.49 24.82 3.75
C LEU A 176 10.07 24.22 2.43
N VAL A 177 10.95 24.36 1.45
CA VAL A 177 10.74 23.87 0.10
C VAL A 177 11.05 22.38 0.06
N SER A 178 10.06 21.58 -0.32
CA SER A 178 10.28 20.13 -0.50
C SER A 178 10.68 19.79 -1.93
N ALA A 179 11.75 19.01 -2.08
CA ALA A 179 12.08 18.43 -3.38
C ALA A 179 11.38 17.07 -3.54
N GLU A 180 10.51 16.96 -4.54
CA GLU A 180 9.80 15.72 -4.82
C GLU A 180 10.25 15.10 -6.13
N ILE A 181 10.85 13.92 -6.05
CA ILE A 181 11.28 13.15 -7.23
C ILE A 181 10.34 11.95 -7.43
N THR A 182 9.85 11.78 -8.65
CA THR A 182 8.83 10.78 -8.92
C THR A 182 9.22 9.98 -10.16
N TYR A 183 9.68 8.74 -9.92
CA TYR A 183 10.11 7.87 -11.01
C TYR A 183 8.93 7.17 -11.65
N GLY A 184 8.95 7.04 -12.97
CA GLY A 184 8.01 6.18 -13.67
C GLY A 184 8.68 4.81 -13.79
N LEU A 185 8.45 3.94 -12.80
CA LEU A 185 9.18 2.67 -12.70
C LEU A 185 9.09 1.78 -13.94
N GLU A 186 7.89 1.56 -14.47
CA GLU A 186 7.73 0.73 -15.67
C GLU A 186 8.55 1.25 -16.84
N ARG A 187 8.43 2.56 -17.10
CA ARG A 187 9.16 3.16 -18.21
C ARG A 187 10.66 2.94 -18.02
N ILE A 188 11.13 3.12 -16.80
CA ILE A 188 12.52 2.87 -16.52
C ILE A 188 12.87 1.39 -16.76
N ALA A 189 12.01 0.48 -16.28
CA ALA A 189 12.30 -0.95 -16.44
C ALA A 189 12.32 -1.36 -17.92
N TYR A 191 13.33 0.37 -20.34
CA TYR A 191 14.64 0.76 -20.86
C TYR A 191 15.71 -0.24 -20.45
N LEU A 192 15.82 -0.50 -19.15
CA LEU A 192 16.87 -1.36 -18.61
C LEU A 192 16.80 -2.82 -19.11
N GLN A 193 15.60 -3.31 -19.39
CA GLN A 193 15.43 -4.71 -19.80
C GLN A 193 15.24 -4.79 -21.30
N ASN A 194 15.26 -3.62 -21.96
CA ASN A 194 15.13 -3.51 -23.41
C ASN A 194 13.89 -4.25 -23.94
N VAL A 195 12.72 -3.91 -23.39
CA VAL A 195 11.44 -4.43 -23.90
C VAL A 195 10.49 -3.31 -24.35
N ASP A 196 9.77 -3.52 -25.45
CA ASP A 196 8.89 -2.49 -25.98
C ASP A 196 7.44 -2.62 -25.49
N ASN A 197 7.22 -3.54 -24.56
CA ASN A 197 5.89 -3.82 -24.03
C ASN A 197 5.97 -3.89 -22.51
N VAL A 198 5.19 -3.09 -21.81
CA VAL A 198 5.21 -3.08 -20.34
C VAL A 198 4.97 -4.48 -19.72
N TYR A 199 4.08 -5.25 -20.33
CA TYR A 199 3.71 -6.54 -19.80
C TYR A 199 4.84 -7.56 -19.88
N ASP A 200 5.85 -7.26 -20.69
CA ASP A 200 7.01 -8.15 -20.86
C ASP A 200 8.15 -7.81 -19.89
N ILE A 201 7.95 -6.81 -19.04
CA ILE A 201 8.92 -6.53 -18.00
C ILE A 201 9.05 -7.81 -17.14
N VAL A 202 10.26 -8.19 -16.77
CA VAL A 202 10.44 -9.25 -15.77
C VAL A 202 10.31 -8.70 -14.35
N TRP A 203 9.34 -9.22 -13.63
CA TRP A 203 9.05 -8.80 -12.27
C TRP A 203 10.03 -9.42 -11.25
N SER A 204 10.31 -10.71 -11.40
CA SER A 204 11.28 -11.40 -10.53
C SER A 204 11.73 -12.69 -11.19
N GLU A 205 12.91 -13.16 -10.80
CA GLU A 205 13.49 -14.36 -11.39
C GLU A 205 14.10 -15.25 -10.31
N PHE A 206 14.02 -16.55 -10.52
CA PHE A 206 14.52 -17.50 -9.55
C PHE A 206 14.90 -18.76 -10.31
N ASN A 207 16.21 -19.04 -10.35
CA ASN A 207 16.71 -20.23 -11.01
C ASN A 207 16.19 -20.37 -12.44
N GLY A 208 16.25 -19.27 -13.18
CA GLY A 208 15.82 -19.25 -14.56
C GLY A 208 14.32 -19.14 -14.75
N GLU A 209 13.58 -19.25 -13.66
CA GLU A 209 12.11 -19.13 -13.71
C GLU A 209 11.70 -17.67 -13.56
N LYS A 210 11.02 -17.13 -14.58
CA LYS A 210 10.71 -15.70 -14.59
C LYS A 210 9.21 -15.42 -14.44
N ILE A 211 8.90 -14.45 -13.59
CA ILE A 211 7.53 -13.95 -13.45
C ILE A 211 7.43 -12.61 -14.17
N LYS A 212 6.44 -12.48 -15.03
CA LYS A 212 6.32 -11.28 -15.82
C LYS A 212 5.25 -10.34 -15.27
N TYR A 213 5.40 -9.05 -15.59
CA TYR A 213 4.44 -8.02 -15.22
C TYR A 213 3.01 -8.45 -15.65
N ALA A 214 2.91 -9.00 -16.85
CA ALA A 214 1.69 -9.64 -17.34
C ALA A 214 1.09 -10.60 -16.32
N ASP A 215 1.94 -11.45 -15.78
CA ASP A 215 1.48 -12.47 -14.83
C ASP A 215 0.91 -11.81 -13.60
N VAL A 216 1.45 -10.64 -13.28
CA VAL A 216 1.01 -9.92 -12.10
C VAL A 216 -0.19 -9.02 -12.36
N HIS A 217 -0.25 -8.35 -13.51
CA HIS A 217 -1.19 -7.24 -13.64
C HIS A 217 -2.06 -7.23 -14.88
N LYS A 218 -1.78 -8.14 -15.81
CA LYS A 218 -2.54 -8.20 -17.04
C LYS A 218 -4.03 -8.26 -16.72
N GLN A 219 -4.36 -9.10 -15.75
CA GLN A 219 -5.75 -9.35 -15.36
C GLN A 219 -6.39 -8.17 -14.67
N SER A 220 -5.68 -7.55 -13.72
CA SER A 220 -6.20 -6.37 -13.05
C SER A 220 -6.48 -5.26 -14.06
N GLU A 221 -5.59 -5.08 -15.05
CA GLU A 221 -5.80 -4.01 -16.05
C GLU A 221 -7.05 -4.27 -16.84
N TYR A 222 -7.24 -5.50 -17.30
CA TYR A 222 -8.47 -5.81 -18.02
C TYR A 222 -9.72 -5.59 -17.15
N GLU A 223 -9.74 -6.21 -15.97
CA GLU A 223 -10.91 -6.16 -15.10
C GLU A 223 -11.23 -4.79 -14.53
N PHE A 224 -10.22 -4.04 -14.09
CA PHE A 224 -10.46 -2.70 -13.56
C PHE A 224 -10.91 -1.72 -14.65
N SER A 225 -10.42 -1.90 -15.87
CA SER A 225 -10.84 -1.04 -16.97
C SER A 225 -12.33 -1.27 -17.24
N LYS A 226 -12.71 -2.54 -17.37
CA LYS A 226 -14.11 -2.89 -17.60
C LYS A 226 -15.00 -2.38 -16.46
N TYR A 227 -14.55 -2.53 -15.23
CA TYR A 227 -15.32 -1.98 -14.12
C TYR A 227 -15.44 -0.46 -14.25
N ASN A 228 -14.30 0.23 -14.22
CA ASN A 228 -14.29 1.69 -14.21
C ASN A 228 -15.08 2.31 -15.35
N PHE A 229 -14.96 1.74 -16.53
CA PHE A 229 -15.62 2.35 -17.69
C PHE A 229 -17.04 1.87 -17.92
N GLU A 230 -17.35 0.63 -17.56
CA GLU A 230 -18.61 0.03 -18.01
C GLU A 230 -19.53 -0.49 -16.91
N VAL A 231 -19.00 -0.74 -15.72
CA VAL A 231 -19.77 -1.47 -14.72
C VAL A 231 -20.13 -0.65 -13.46
N SER A 232 -19.22 0.23 -13.01
CA SER A 232 -19.41 0.91 -11.73
C SER A 232 -20.79 1.56 -11.59
N ASP A 233 -21.31 1.60 -10.38
CA ASP A 233 -22.63 2.15 -10.12
C ASP A 233 -22.53 3.61 -9.77
N VAL A 234 -23.07 4.46 -10.64
CA VAL A 234 -22.90 5.91 -10.49
C VAL A 234 -23.55 6.45 -9.22
N LYS A 235 -24.72 5.91 -8.88
CA LYS A 235 -25.44 6.33 -7.69
C LYS A 235 -24.62 6.03 -6.43
N ILE A 236 -24.00 4.85 -6.41
CA ILE A 236 -23.16 4.46 -5.28
C ILE A 236 -21.85 5.25 -5.24
N LEU A 237 -21.23 5.44 -6.40
CA LEU A 237 -20.01 6.25 -6.47
C LEU A 237 -20.31 7.64 -5.92
N ASN A 238 -21.43 8.20 -6.34
CA ASN A 238 -21.86 9.48 -5.82
C ASN A 238 -22.05 9.52 -4.31
N GLU A 239 -22.65 8.48 -3.75
CA GLU A 239 -22.86 8.44 -2.31
C GLU A 239 -21.52 8.33 -1.60
N GLN A 240 -20.65 7.48 -2.12
CA GLN A 240 -19.31 7.35 -1.57
C GLN A 240 -18.61 8.71 -1.58
N PHE A 241 -18.78 9.47 -2.66
CA PHE A 241 -18.13 10.80 -2.74
C PHE A 241 -18.69 11.72 -1.67
N GLU A 242 -20.02 11.82 -1.62
CA GLU A 242 -20.72 12.70 -0.68
C GLU A 242 -20.46 12.31 0.78
N ASN A 243 -20.51 11.03 1.08
CA ASN A 243 -20.28 10.57 2.44
C ASN A 243 -18.82 10.81 2.84
N SER A 244 -17.91 10.62 1.90
CA SER A 244 -16.49 10.86 2.17
C SER A 244 -16.25 12.33 2.46
N TYR A 245 -16.96 13.20 1.73
CA TYR A 245 -16.93 14.63 1.96
C TYR A 245 -17.47 15.00 3.36
N LYS A 246 -18.70 14.59 3.66
CA LYS A 246 -19.30 14.86 4.96
C LYS A 246 -18.43 14.32 6.09
N GLU A 247 -18.02 13.07 6.00
CA GLU A 247 -17.24 12.49 7.10
C GLU A 247 -15.88 13.19 7.26
N CYS A 248 -15.26 13.57 6.16
CA CYS A 248 -14.03 14.34 6.23
C CYS A 248 -14.23 15.62 7.04
N LYS A 249 -15.29 16.37 6.68
CA LYS A 249 -15.60 17.62 7.37
C LYS A 249 -16.00 17.38 8.83
N ASN A 250 -16.76 16.31 9.08
CA ASN A 250 -17.10 15.88 10.43
C ASN A 250 -15.85 15.71 11.27
N ILE A 251 -14.91 14.91 10.78
CA ILE A 251 -13.67 14.64 11.51
C ILE A 251 -12.86 15.91 11.77
N LEU A 252 -12.77 16.76 10.74
CA LEU A 252 -12.03 18.02 10.87
C LEU A 252 -12.65 18.93 11.97
N GLU A 253 -13.98 18.91 12.11
CA GLU A 253 -14.63 19.63 13.21
C GLU A 253 -14.07 19.25 14.59
N GLN A 254 -13.49 18.06 14.67
CA GLN A 254 -12.95 17.52 15.91
C GLN A 254 -11.44 17.66 16.01
N GLY A 255 -10.84 18.21 14.96
CA GLY A 255 -9.42 18.55 14.95
C GLY A 255 -8.49 17.42 14.58
N LEU A 256 -9.02 16.41 13.92
CA LEU A 256 -8.22 15.22 13.59
C LEU A 256 -7.91 15.14 12.10
N ALA A 257 -6.74 15.64 11.72
CA ALA A 257 -6.38 15.72 10.31
C ALA A 257 -6.20 14.34 9.65
N LEU A 258 -5.49 13.44 10.31
CA LEU A 258 -5.08 12.19 9.67
C LEU A 258 -6.24 11.28 9.21
N PRO A 259 -7.18 10.98 10.12
CA PRO A 259 -8.29 10.14 9.66
C PRO A 259 -9.19 10.92 8.70
N ALA A 260 -9.23 12.24 8.87
CA ALA A 260 -9.93 13.11 7.94
C ALA A 260 -9.33 12.99 6.54
N TYR A 261 -8.00 12.98 6.45
CA TYR A 261 -7.36 13.01 5.13
C TYR A 261 -7.60 11.72 4.35
N ASP A 262 -7.80 10.61 5.06
CA ASP A 262 -8.17 9.36 4.38
C ASP A 262 -9.45 9.56 3.58
N TYR A 263 -10.41 10.26 4.17
CA TYR A 263 -11.68 10.49 3.51
C TYR A 263 -11.48 11.47 2.34
N CYS A 264 -10.56 12.42 2.51
CA CYS A 264 -10.21 13.32 1.41
C CYS A 264 -9.71 12.49 0.24
N LEU A 266 -10.28 9.39 -0.51
CA LEU A 266 -11.32 8.55 -1.10
C LEU A 266 -12.24 9.38 -1.98
N ALA A 267 -12.50 10.62 -1.54
CA ALA A 267 -13.30 11.56 -2.31
C ALA A 267 -12.59 11.84 -3.63
N ALA A 268 -11.28 12.09 -3.57
CA ALA A 268 -10.53 12.34 -4.80
C ALA A 268 -10.60 11.15 -5.74
N HIS A 269 -10.32 9.97 -5.21
CA HIS A 269 -10.33 8.76 -6.03
C HIS A 269 -11.72 8.47 -6.60
N THR A 270 -12.74 8.67 -5.80
CA THR A 270 -14.10 8.45 -6.28
C THR A 270 -14.40 9.37 -7.45
N PHE A 271 -13.91 10.62 -7.33
CA PHE A 271 -14.09 11.57 -8.40
C PHE A 271 -13.54 11.00 -9.69
N ASN A 272 -12.33 10.44 -9.62
CA ASN A 272 -11.66 9.91 -10.80
C ASN A 272 -12.48 8.77 -11.40
N LEU A 273 -13.06 7.95 -10.54
CA LEU A 273 -13.91 6.85 -10.97
C LEU A 273 -15.12 7.36 -11.72
N LEU A 274 -15.77 8.39 -11.17
CA LEU A 274 -16.91 9.01 -11.83
C LEU A 274 -16.48 9.62 -13.15
N ASP A 275 -15.30 10.23 -13.14
CA ASP A 275 -14.76 10.81 -14.36
C ASP A 275 -14.60 9.74 -15.44
N ALA A 276 -14.08 8.57 -15.07
CA ALA A 276 -13.82 7.51 -16.05
C ALA A 276 -15.11 6.85 -16.53
N ARG A 277 -16.13 6.85 -15.66
CA ARG A 277 -17.42 6.29 -16.03
C ARG A 277 -18.12 7.25 -16.98
N GLY A 278 -17.54 8.45 -17.13
CA GLY A 278 -18.08 9.49 -17.99
C GLY A 278 -19.35 10.09 -17.41
N ALA A 279 -19.46 10.00 -16.08
CA ALA A 279 -20.67 10.39 -15.37
C ALA A 279 -20.59 11.81 -14.81
N ILE A 280 -19.66 12.60 -15.33
CA ILE A 280 -19.44 13.96 -14.87
C ILE A 280 -19.66 14.97 -16.01
N SER A 281 -20.36 16.06 -15.68
CA SER A 281 -20.49 17.20 -16.59
C SER A 281 -19.57 18.35 -16.15
N VAL A 282 -19.26 19.25 -17.08
CA VAL A 282 -18.40 20.40 -16.76
C VAL A 282 -18.95 21.15 -15.55
N ALA A 283 -20.26 21.06 -15.36
CA ALA A 283 -20.94 21.73 -14.26
C ALA A 283 -20.64 21.04 -12.95
N GLN A 284 -20.99 19.76 -12.84
CA GLN A 284 -20.71 19.02 -11.63
C GLN A 284 -19.21 18.84 -11.45
N ARG A 285 -18.47 18.88 -12.54
CA ARG A 285 -17.03 18.76 -12.47
C ARG A 285 -16.45 19.85 -11.58
N GLN A 286 -16.89 21.08 -11.84
CA GLN A 286 -16.60 22.23 -10.98
C GLN A 286 -16.98 21.98 -9.52
N ASP A 287 -18.17 21.44 -9.30
CA ASP A 287 -18.64 21.16 -7.95
C ASP A 287 -17.74 20.16 -7.21
N TYR A 288 -17.41 19.04 -7.85
CA TYR A 288 -16.51 18.06 -7.25
C TYR A 288 -15.17 18.67 -6.86
N LEU A 290 -14.25 21.71 -6.47
CA LEU A 290 -14.39 22.70 -5.42
C LEU A 290 -14.36 22.02 -4.06
N LYS A 291 -15.16 20.97 -3.94
CA LYS A 291 -15.25 20.20 -2.71
C LYS A 291 -13.93 19.49 -2.37
N ILE A 292 -13.31 18.87 -3.36
CA ILE A 292 -12.05 18.16 -3.14
C ILE A 292 -10.96 19.09 -2.60
N ARG A 293 -10.86 20.28 -3.20
CA ARG A 293 -9.89 21.31 -2.82
C ARG A 293 -10.20 21.88 -1.44
N GLU A 294 -11.49 22.04 -1.17
CA GLU A 294 -11.95 22.43 0.16
C GLU A 294 -11.44 21.42 1.20
N LEU A 295 -11.56 20.13 0.89
CA LEU A 295 -11.12 19.09 1.83
C LEU A 295 -9.62 19.10 2.04
N SER A 296 -8.86 19.12 0.95
CA SER A 296 -7.41 19.04 1.05
C SER A 296 -6.85 20.28 1.76
N LYS A 297 -7.41 21.44 1.45
CA LYS A 297 -7.01 22.68 2.12
C LYS A 297 -7.28 22.56 3.62
N ASN A 298 -8.53 22.24 3.98
CA ASN A 298 -8.91 22.11 5.38
C ASN A 298 -8.08 21.06 6.14
N CYS A 299 -7.85 19.92 5.50
CA CYS A 299 -6.97 18.89 6.06
C CYS A 299 -5.59 19.47 6.35
N ALA A 300 -5.06 20.23 5.40
CA ALA A 300 -3.76 20.87 5.56
C ALA A 300 -3.74 21.86 6.72
N GLU A 301 -4.78 22.70 6.81
CA GLU A 301 -4.82 23.73 7.84
C GLU A 301 -4.85 23.08 9.23
N ILE A 302 -5.73 22.11 9.41
CA ILE A 302 -5.81 21.40 10.69
C ILE A 302 -4.49 20.71 11.01
N TYR A 303 -3.94 19.99 10.05
CA TYR A 303 -2.68 19.32 10.27
C TYR A 303 -1.64 20.33 10.74
N LYS A 304 -1.61 21.48 10.08
CA LYS A 304 -0.59 22.47 10.40
C LYS A 304 -0.83 23.04 11.79
N LYS A 305 -2.06 23.38 12.10
CA LYS A 305 -2.41 23.86 13.43
C LYS A 305 -1.93 22.92 14.55
N ASN A 306 -2.22 21.62 14.41
CA ASN A 306 -1.87 20.64 15.43
C ASN A 306 -0.37 20.42 15.60
N LEU A 307 0.40 20.70 14.55
CA LEU A 307 1.86 20.63 14.64
C LEU A 307 2.44 21.48 15.77
N ASN A 308 2.15 22.77 15.73
CA ASN A 308 2.76 23.70 16.67
C ASN A 308 1.98 23.80 17.97
N ALA B 24 22.48 -2.55 16.21
CA ALA B 24 21.47 -3.42 15.59
C ALA B 24 20.80 -2.73 14.39
N THR B 26 17.84 -1.05 11.96
CA THR B 26 16.68 -0.17 12.03
C THR B 26 15.44 -0.88 11.46
N PHE B 27 14.27 -0.30 11.67
CA PHE B 27 13.05 -0.92 11.20
C PHE B 27 13.13 -1.07 9.68
N SER B 28 13.61 -0.01 9.03
CA SER B 28 13.70 0.03 7.57
C SER B 28 14.56 -1.08 7.02
N GLN B 29 15.75 -1.25 7.57
CA GLN B 29 16.65 -2.25 7.00
C GLN B 29 16.21 -3.68 7.31
N ILE B 31 13.09 -4.61 7.18
CA ILE B 31 12.13 -4.82 6.12
C ILE B 31 12.86 -5.11 4.80
N LEU B 32 13.84 -4.29 4.46
CA LEU B 32 14.62 -4.51 3.25
C LEU B 32 15.35 -5.86 3.31
N ASN B 33 15.83 -6.21 4.50
CA ASN B 33 16.51 -7.49 4.71
C ASN B 33 15.60 -8.67 4.43
N LEU B 34 14.39 -8.63 4.98
CA LEU B 34 13.43 -9.72 4.81
C LEU B 34 13.01 -9.83 3.36
N GLN B 35 12.79 -8.69 2.71
CA GLN B 35 12.44 -8.70 1.30
C GLN B 35 13.57 -9.30 0.46
N ASN B 36 14.81 -8.92 0.73
CA ASN B 36 15.90 -9.51 -0.01
C ASN B 36 16.03 -11.00 0.28
N TYR B 37 15.89 -11.36 1.55
CA TYR B 37 16.00 -12.76 1.94
C TYR B 37 14.96 -13.64 1.25
N TRP B 38 13.70 -13.21 1.30
CA TRP B 38 12.62 -14.01 0.75
C TRP B 38 12.57 -13.95 -0.76
N GLN B 39 13.13 -12.90 -1.34
CA GLN B 39 13.33 -12.86 -2.77
C GLN B 39 14.30 -13.97 -3.17
N GLU B 40 15.31 -14.21 -2.33
CA GLU B 40 16.31 -15.21 -2.65
C GLU B 40 15.81 -16.62 -2.42
N GLN B 41 14.70 -16.73 -1.70
CA GLN B 41 14.07 -18.03 -1.47
C GLN B 41 13.09 -18.33 -2.58
N GLY B 42 12.86 -17.34 -3.44
CA GLY B 42 12.04 -17.57 -4.61
C GLY B 42 10.72 -16.82 -4.61
N CYS B 43 10.55 -15.91 -3.68
CA CYS B 43 9.33 -15.10 -3.65
C CYS B 43 9.41 -13.93 -4.58
N ALA B 44 8.29 -13.65 -5.23
CA ALA B 44 8.09 -12.38 -5.92
C ALA B 44 7.74 -11.32 -4.89
N ILE B 45 8.55 -10.27 -4.80
CA ILE B 45 8.24 -9.16 -3.91
C ILE B 45 7.05 -8.37 -4.43
N GLN B 47 3.85 -5.39 -3.39
CA GLN B 47 3.69 -4.18 -2.59
C GLN B 47 2.39 -4.29 -1.83
N PRO B 48 2.37 -3.67 -0.64
CA PRO B 48 1.20 -3.50 0.21
C PRO B 48 0.03 -3.03 -0.65
N TYR B 49 -1.15 -3.60 -0.42
CA TYR B 49 -2.32 -3.20 -1.18
C TYR B 49 -2.80 -1.81 -0.78
N ASP B 50 -3.61 -1.19 -1.64
CA ASP B 50 -4.07 0.18 -1.43
C ASP B 50 -5.54 0.28 -1.02
N PRO B 52 -7.66 -0.68 2.93
CA PRO B 52 -7.30 -1.00 4.32
C PRO B 52 -7.58 -2.47 4.58
N ALA B 53 -6.70 -3.17 5.30
CA ALA B 53 -6.91 -4.59 5.62
C ALA B 53 -6.35 -4.91 6.98
N GLY B 54 -6.96 -5.88 7.67
CA GLY B 54 -6.53 -6.26 9.00
C GLY B 54 -5.40 -7.26 9.06
N ALA B 55 -5.03 -7.82 7.92
CA ALA B 55 -3.93 -8.76 7.87
C ALA B 55 -3.49 -8.88 6.42
N GLY B 56 -2.24 -9.27 6.20
CA GLY B 56 -1.76 -9.57 4.87
C GLY B 56 -2.56 -10.63 4.14
N THR B 57 -3.30 -11.43 4.89
CA THR B 57 -4.09 -12.51 4.31
C THR B 57 -5.16 -11.98 3.36
N PHE B 58 -5.62 -10.77 3.67
CA PHE B 58 -6.66 -10.12 2.85
C PHE B 58 -6.16 -9.58 1.53
N HIS B 59 -4.90 -9.16 1.49
CA HIS B 59 -4.28 -8.73 0.25
C HIS B 59 -4.58 -9.76 -0.84
N PRO B 60 -5.07 -9.29 -2.00
CA PRO B 60 -5.42 -10.25 -3.06
C PRO B 60 -4.27 -11.17 -3.44
N ALA B 61 -3.04 -10.75 -3.17
CA ALA B 61 -1.87 -11.54 -3.50
C ALA B 61 -1.74 -12.77 -2.61
N THR B 62 -2.51 -12.80 -1.52
CA THR B 62 -2.68 -14.04 -0.73
C THR B 62 -4.05 -14.66 -0.98
N PHE B 63 -5.10 -13.93 -0.60
CA PHE B 63 -6.44 -14.48 -0.67
C PHE B 63 -6.81 -15.00 -2.07
N LEU B 64 -6.60 -14.19 -3.10
CA LEU B 64 -7.00 -14.66 -4.44
C LEU B 64 -6.00 -15.64 -5.05
N ARG B 65 -4.71 -15.38 -4.89
CA ARG B 65 -3.68 -16.22 -5.51
C ARG B 65 -3.53 -17.61 -4.86
N SER B 66 -4.11 -17.80 -3.69
CA SER B 66 -4.05 -19.10 -3.01
C SER B 66 -4.98 -20.09 -3.71
N LEU B 67 -5.94 -19.55 -4.45
CA LEU B 67 -6.91 -20.36 -5.19
C LEU B 67 -6.28 -20.94 -6.45
N GLY B 68 -6.80 -22.09 -6.88
CA GLY B 68 -6.43 -22.70 -8.15
C GLY B 68 -5.10 -23.42 -8.16
N LYS B 69 -4.74 -23.91 -9.34
CA LYS B 69 -3.65 -24.87 -9.46
C LYS B 69 -2.28 -24.26 -9.72
N LYS B 70 -2.23 -22.96 -9.94
CA LYS B 70 -0.97 -22.28 -10.26
C LYS B 70 -0.09 -22.08 -9.03
N PRO B 71 1.17 -22.52 -9.11
CA PRO B 71 2.10 -22.20 -8.03
C PRO B 71 2.25 -20.68 -7.89
N TRP B 72 2.55 -20.23 -6.68
CA TRP B 72 2.70 -18.81 -6.42
C TRP B 72 3.58 -18.63 -5.19
N ALA B 73 4.54 -17.72 -5.29
CA ALA B 73 5.42 -17.39 -4.17
C ALA B 73 5.60 -15.89 -4.10
N ALA B 74 5.12 -15.31 -3.00
CA ALA B 74 5.12 -13.87 -2.85
C ALA B 74 5.57 -13.48 -1.46
N ALA B 75 6.06 -12.27 -1.32
CA ALA B 75 6.39 -11.75 0.00
C ALA B 75 6.16 -10.26 -0.04
N TYR B 76 5.77 -9.71 1.10
CA TYR B 76 5.46 -8.28 1.15
C TYR B 76 5.16 -7.79 2.55
N VAL B 77 5.44 -6.51 2.77
CA VAL B 77 5.02 -5.85 3.99
C VAL B 77 3.52 -5.65 3.90
N ALA B 78 2.84 -5.81 5.03
CA ALA B 78 1.39 -5.69 5.07
C ALA B 78 1.00 -4.78 6.22
N PRO B 79 0.94 -3.46 5.96
CA PRO B 79 0.39 -2.55 6.98
C PRO B 79 -1.06 -2.98 7.27
N SER B 80 -1.41 -3.12 8.54
CA SER B 80 -2.67 -3.76 8.89
C SER B 80 -3.45 -2.94 9.91
N ARG B 81 -4.71 -2.67 9.60
CA ARG B 81 -5.54 -1.91 10.52
C ARG B 81 -6.45 -2.78 11.37
N ARG B 82 -6.41 -2.53 12.67
CA ARG B 82 -7.22 -3.26 13.63
C ARG B 82 -7.85 -2.24 14.56
N PRO B 83 -8.96 -1.63 14.11
CA PRO B 83 -9.67 -0.59 14.88
C PRO B 83 -9.89 -0.94 16.37
N THR B 84 -10.30 -2.16 16.70
CA THR B 84 -10.57 -2.51 18.10
C THR B 84 -9.31 -2.55 18.98
N ASP B 85 -8.14 -2.62 18.35
CA ASP B 85 -6.88 -2.73 19.10
C ASP B 85 -6.28 -1.35 19.39
N GLY B 86 -6.94 -0.31 18.92
CA GLY B 86 -6.41 1.04 19.08
C GLY B 86 -6.24 1.43 20.55
N ARG B 87 -5.11 2.07 20.86
CA ARG B 87 -4.80 2.47 22.24
C ARG B 87 -4.41 3.95 22.42
N TYR B 88 -4.69 4.79 21.41
CA TYR B 88 -4.40 6.23 21.48
C TYR B 88 -2.89 6.56 21.58
N GLY B 89 -2.04 5.61 21.22
CA GLY B 89 -0.60 5.81 21.31
C GLY B 89 0.03 5.60 22.70
N GLU B 90 -0.79 5.29 23.70
CA GLU B 90 -0.33 5.21 25.09
C GLU B 90 0.40 3.92 25.38
N ASN B 91 -0.26 2.82 25.04
CA ASN B 91 0.23 1.47 25.30
C ASN B 91 1.46 1.15 24.45
N PRO B 92 2.56 0.74 25.10
CA PRO B 92 3.82 0.48 24.41
C PRO B 92 3.81 -0.84 23.65
N ASN B 93 2.66 -1.53 23.65
CA ASN B 93 2.53 -2.82 22.97
C ASN B 93 1.38 -2.92 21.97
N ARG B 94 0.19 -2.50 22.37
CA ARG B 94 -0.98 -2.66 21.51
C ARG B 94 -1.12 -1.49 20.54
N LEU B 95 -1.37 -1.82 19.28
CA LEU B 95 -1.41 -0.84 18.19
C LEU B 95 -2.68 -0.97 17.35
N GLY B 96 -3.34 0.15 17.07
CA GLY B 96 -4.47 0.16 16.16
C GLY B 96 -4.08 -0.14 14.71
N ALA B 97 -2.79 -0.02 14.41
CA ALA B 97 -2.28 -0.33 13.08
C ALA B 97 -0.80 -0.69 13.18
N TYR B 98 -0.39 -1.72 12.45
CA TYR B 98 0.95 -2.26 12.60
C TYR B 98 1.39 -2.98 11.35
N TYR B 99 2.69 -3.23 11.22
CA TYR B 99 3.24 -3.83 10.02
C TYR B 99 3.50 -5.31 10.23
N GLN B 100 2.79 -6.16 9.49
CA GLN B 100 3.22 -7.55 9.42
C GLN B 100 4.06 -7.70 8.19
N PHE B 101 4.91 -8.73 8.18
CA PHE B 101 5.53 -9.12 6.94
C PHE B 101 4.92 -10.46 6.51
N GLN B 102 4.46 -10.52 5.28
CA GLN B 102 3.72 -11.66 4.77
C GLN B 102 4.53 -12.47 3.76
N VAL B 103 4.71 -13.76 4.03
CA VAL B 103 5.33 -14.64 3.06
C VAL B 103 4.32 -15.70 2.67
N LEU B 104 4.08 -15.85 1.38
CA LEU B 104 3.08 -16.82 0.92
C LEU B 104 3.74 -17.73 -0.11
N ILE B 105 3.96 -18.98 0.26
CA ILE B 105 4.57 -19.92 -0.67
C ILE B 105 3.67 -21.12 -0.95
N LYS B 106 3.27 -21.23 -2.21
CA LYS B 106 2.30 -22.20 -2.69
C LYS B 106 2.91 -22.96 -3.87
N PRO B 107 3.13 -24.28 -3.71
CA PRO B 107 2.85 -25.13 -2.55
C PRO B 107 3.93 -24.97 -1.48
N SER B 108 3.58 -25.20 -0.22
CA SER B 108 4.58 -25.06 0.84
C SER B 108 5.69 -26.08 0.69
N PRO B 109 6.93 -25.64 0.93
CA PRO B 109 8.10 -26.51 0.92
C PRO B 109 8.19 -27.20 2.27
N ASP B 110 9.12 -28.14 2.41
CA ASP B 110 9.24 -28.87 3.67
C ASP B 110 10.21 -28.17 4.60
N ASN B 111 11.17 -27.46 4.02
CA ASN B 111 12.15 -26.73 4.81
C ASN B 111 11.57 -25.42 5.32
N ILE B 112 10.29 -25.20 5.05
CA ILE B 112 9.60 -23.99 5.45
C ILE B 112 9.96 -23.52 6.88
N GLN B 113 10.03 -24.47 7.81
CA GLN B 113 10.40 -24.17 9.18
C GLN B 113 11.80 -23.56 9.24
N GLU B 114 12.74 -24.27 8.60
CA GLU B 114 14.14 -23.86 8.57
C GLU B 114 14.32 -22.50 7.87
N LEU B 115 13.66 -22.31 6.73
CA LEU B 115 13.75 -21.05 6.02
C LEU B 115 13.37 -19.89 6.94
N TYR B 116 12.31 -20.07 7.72
CA TYR B 116 11.90 -19.05 8.69
C TYR B 116 13.01 -18.77 9.69
N LEU B 117 13.62 -19.83 10.21
CA LEU B 117 14.69 -19.71 11.19
C LEU B 117 15.90 -19.00 10.60
N LYS B 118 16.29 -19.38 9.39
CA LYS B 118 17.43 -18.78 8.73
C LYS B 118 17.18 -17.28 8.46
N SER B 119 15.92 -16.91 8.23
CA SER B 119 15.57 -15.51 8.03
C SER B 119 15.78 -14.72 9.32
N LEU B 120 15.47 -15.34 10.46
CA LEU B 120 15.68 -14.69 11.75
C LEU B 120 17.17 -14.52 12.04
N GLU B 121 17.96 -15.55 11.71
CA GLU B 121 19.41 -15.42 11.78
C GLU B 121 19.83 -14.25 10.90
N ASN B 122 19.30 -14.24 9.69
CA ASN B 122 19.63 -13.21 8.71
C ASN B 122 19.40 -11.79 9.23
N LEU B 123 18.42 -11.65 10.12
CA LEU B 123 18.13 -10.36 10.73
C LEU B 123 19.16 -10.02 11.81
N GLY B 124 19.81 -11.05 12.35
CA GLY B 124 20.82 -10.87 13.37
C GLY B 124 20.49 -11.51 14.69
N PHE B 125 19.56 -12.47 14.68
CA PHE B 125 19.15 -13.16 15.90
C PHE B 125 20.12 -14.27 16.28
N ASP B 126 20.39 -14.39 17.58
CA ASP B 126 21.21 -15.48 18.10
C ASP B 126 20.32 -16.71 18.34
N LEU B 127 20.40 -17.68 17.44
CA LEU B 127 19.58 -18.90 17.53
C LEU B 127 19.51 -19.54 18.93
N LYS B 128 20.64 -19.55 19.63
CA LYS B 128 20.72 -20.28 20.89
C LYS B 128 20.53 -19.42 22.14
N SER B 129 20.74 -18.11 22.00
CA SER B 129 20.55 -17.23 23.15
C SER B 129 19.06 -16.93 23.35
N HIS B 130 18.22 -17.63 22.60
CA HIS B 130 16.78 -17.42 22.66
C HIS B 130 16.01 -18.74 22.74
N ASP B 131 14.82 -18.68 23.33
CA ASP B 131 13.95 -19.84 23.45
C ASP B 131 12.82 -19.81 22.43
N ILE B 132 13.06 -20.42 21.27
CA ILE B 132 12.06 -20.44 20.20
C ILE B 132 11.15 -21.65 20.33
N ARG B 133 9.84 -21.41 20.28
CA ARG B 133 8.86 -22.47 20.50
C ARG B 133 7.69 -22.36 19.53
N PHE B 134 7.26 -23.50 19.00
CA PHE B 134 6.12 -23.55 18.08
C PHE B 134 4.90 -24.18 18.74
N VAL B 135 3.90 -23.35 19.01
CA VAL B 135 2.67 -23.79 19.68
C VAL B 135 1.53 -23.98 18.69
N GLU B 136 0.90 -25.16 18.70
CA GLU B 136 -0.24 -25.39 17.80
C GLU B 136 -1.30 -24.28 17.90
N ASP B 137 -1.73 -23.77 16.75
CA ASP B 137 -2.77 -22.74 16.71
C ASP B 137 -3.44 -22.79 15.35
N ASN B 138 -4.44 -23.68 15.23
CA ASN B 138 -5.11 -23.92 13.97
C ASN B 138 -6.00 -22.75 13.58
N TRP B 139 -6.21 -22.56 12.28
CA TRP B 139 -6.89 -21.39 11.78
C TRP B 139 -8.31 -21.67 11.27
N GLU B 140 -9.28 -21.00 11.89
CA GLU B 140 -10.66 -20.96 11.40
C GLU B 140 -10.97 -19.49 11.09
N SER B 141 -11.43 -19.22 9.86
CA SER B 141 -11.76 -17.87 9.43
C SER B 141 -13.06 -17.88 8.65
N PRO B 142 -14.18 -17.66 9.34
CA PRO B 142 -15.48 -17.76 8.68
C PRO B 142 -15.73 -16.63 7.68
N SER B 143 -15.19 -15.44 7.94
CA SER B 143 -15.35 -14.31 7.04
C SER B 143 -14.70 -14.57 5.68
N LEU B 144 -13.61 -15.34 5.70
CA LEU B 144 -12.89 -15.72 4.49
C LEU B 144 -13.28 -17.13 4.01
N GLY B 145 -14.30 -17.71 4.64
CA GLY B 145 -14.69 -19.08 4.37
C GLY B 145 -13.49 -20.00 4.29
N ALA B 146 -12.62 -19.91 5.30
CA ALA B 146 -11.31 -20.53 5.23
C ALA B 146 -10.91 -21.26 6.52
N TRP B 147 -9.99 -22.22 6.38
CA TRP B 147 -9.36 -22.89 7.51
C TRP B 147 -7.99 -23.47 7.09
N GLY B 148 -7.11 -23.61 8.07
CA GLY B 148 -5.80 -24.18 7.85
C GLY B 148 -5.25 -24.73 9.14
N LEU B 149 -4.20 -25.53 9.04
CA LEU B 149 -3.43 -25.92 10.22
C LEU B 149 -2.46 -24.79 10.52
N GLY B 150 -2.23 -24.51 11.81
CA GLY B 150 -1.39 -23.40 12.18
C GLY B 150 -0.58 -23.57 13.45
N TRP B 151 0.43 -22.72 13.59
CA TRP B 151 1.30 -22.67 14.77
C TRP B 151 1.70 -21.23 15.05
N GLU B 152 1.89 -20.88 16.31
CA GLU B 152 2.47 -19.59 16.68
C GLU B 152 3.95 -19.77 17.00
N VAL B 153 4.75 -18.77 16.68
CA VAL B 153 6.17 -18.83 17.00
C VAL B 153 6.45 -17.94 18.19
N TRP B 154 6.74 -18.57 19.32
CA TRP B 154 7.04 -17.85 20.53
C TRP B 154 8.54 -17.73 20.71
N LEU B 155 9.00 -16.50 20.86
CA LEU B 155 10.39 -16.23 21.19
C LEU B 155 10.45 -15.60 22.57
N ASP B 156 11.11 -16.27 23.49
CA ASP B 156 11.24 -15.77 24.86
C ASP B 156 9.88 -15.35 25.43
N GLY B 157 8.88 -16.21 25.26
CA GLY B 157 7.58 -16.01 25.86
C GLY B 157 6.67 -14.96 25.22
N GLU B 159 4.68 -13.89 21.34
CA GLU B 159 4.33 -14.29 19.99
C GLU B 159 4.98 -13.35 18.96
N VAL B 160 5.78 -13.90 18.05
CA VAL B 160 6.44 -13.11 17.01
C VAL B 160 6.06 -13.46 15.56
N THR B 161 5.46 -14.63 15.36
CA THR B 161 5.04 -15.05 14.02
C THR B 161 3.93 -16.08 14.07
N GLN B 162 3.12 -16.13 13.02
CA GLN B 162 2.13 -17.18 12.86
C GLN B 162 2.41 -17.90 11.55
N PHE B 163 2.44 -19.23 11.60
CA PHE B 163 2.49 -20.06 10.41
C PHE B 163 1.11 -20.58 10.16
N THR B 164 0.63 -20.48 8.93
CA THR B 164 -0.63 -21.09 8.59
C THR B 164 -0.45 -21.85 7.29
N TYR B 165 -1.09 -23.02 7.21
CA TYR B 165 -1.09 -23.86 6.01
C TYR B 165 -2.54 -23.97 5.57
N PHE B 166 -2.88 -23.27 4.49
CA PHE B 166 -4.26 -23.18 4.02
C PHE B 166 -4.77 -24.52 3.51
N GLN B 167 -6.00 -24.89 3.86
CA GLN B 167 -6.63 -26.11 3.33
C GLN B 167 -7.90 -25.77 2.57
N GLN B 168 -8.51 -24.66 2.96
CA GLN B 168 -9.74 -24.19 2.34
C GLN B 168 -9.74 -22.67 2.37
N VAL B 169 -9.97 -22.05 1.21
CA VAL B 169 -10.06 -20.60 1.13
C VAL B 169 -11.28 -20.19 0.33
N GLY B 170 -12.06 -19.26 0.86
CA GLY B 170 -13.25 -18.82 0.18
C GLY B 170 -14.26 -19.94 -0.05
N GLY B 171 -14.37 -20.85 0.90
CA GLY B 171 -15.29 -21.98 0.76
C GLY B 171 -14.82 -23.02 -0.23
N ILE B 172 -13.59 -22.89 -0.71
CA ILE B 172 -13.07 -23.79 -1.74
C ILE B 172 -11.90 -24.64 -1.23
N ALA B 173 -11.95 -25.95 -1.48
CA ALA B 173 -10.82 -26.83 -1.15
C ALA B 173 -9.60 -26.41 -1.99
N VAL B 174 -8.43 -26.29 -1.36
CA VAL B 174 -7.25 -25.89 -2.11
C VAL B 174 -6.76 -26.97 -3.05
N ASP B 175 -6.26 -26.56 -4.22
CA ASP B 175 -5.64 -27.50 -5.14
C ASP B 175 -4.22 -27.76 -4.63
N LEU B 176 -3.61 -26.71 -4.10
CA LEU B 176 -2.26 -26.75 -3.53
C LEU B 176 -2.30 -26.05 -2.18
N VAL B 177 -1.61 -26.60 -1.19
CA VAL B 177 -1.56 -25.95 0.12
C VAL B 177 -0.57 -24.79 0.07
N SER B 178 -1.00 -23.64 0.60
CA SER B 178 -0.13 -22.50 0.73
C SER B 178 0.41 -22.41 2.15
N ALA B 179 1.71 -22.19 2.27
CA ALA B 179 2.30 -21.84 3.56
C ALA B 179 2.24 -20.33 3.71
N GLU B 180 1.74 -19.86 4.84
CA GLU B 180 1.71 -18.44 5.11
C GLU B 180 2.48 -18.14 6.39
N ILE B 181 3.57 -17.39 6.24
CA ILE B 181 4.33 -16.91 7.39
C ILE B 181 4.03 -15.43 7.58
N THR B 182 3.62 -15.09 8.80
CA THR B 182 3.24 -13.73 9.09
C THR B 182 4.07 -13.23 10.26
N TYR B 183 5.00 -12.32 9.99
CA TYR B 183 5.86 -11.78 11.03
C TYR B 183 5.20 -10.59 11.71
N GLY B 184 5.31 -10.54 13.03
CA GLY B 184 4.94 -9.34 13.77
C GLY B 184 6.15 -8.43 13.84
N LEU B 185 6.24 -7.49 12.90
CA LEU B 185 7.49 -6.73 12.74
C LEU B 185 7.91 -5.91 13.95
N GLU B 186 6.96 -5.22 14.59
CA GLU B 186 7.31 -4.42 15.76
C GLU B 186 7.88 -5.25 16.91
N ARG B 187 7.28 -6.40 17.20
CA ARG B 187 7.79 -7.21 18.30
C ARG B 187 9.19 -7.70 17.99
N ILE B 188 9.39 -8.16 16.76
CA ILE B 188 10.70 -8.63 16.35
C ILE B 188 11.71 -7.50 16.52
N ALA B 189 11.34 -6.31 16.02
CA ALA B 189 12.19 -5.14 16.18
C ALA B 189 12.55 -4.87 17.64
N TYR B 191 12.71 -6.86 20.05
CA TYR B 191 13.70 -7.85 20.44
C TYR B 191 15.07 -7.56 19.87
N LEU B 192 15.11 -7.09 18.62
CA LEU B 192 16.40 -6.82 17.98
C LEU B 192 17.12 -5.57 18.50
N GLN B 193 16.36 -4.54 18.85
CA GLN B 193 16.95 -3.28 19.32
C GLN B 193 16.91 -3.20 20.83
N ASN B 194 16.34 -4.22 21.45
CA ASN B 194 16.23 -4.29 22.89
C ASN B 194 15.46 -3.09 23.45
N VAL B 195 14.34 -2.76 22.83
CA VAL B 195 13.46 -1.75 23.39
C VAL B 195 12.20 -2.40 23.98
N ASP B 196 11.69 -1.82 25.05
CA ASP B 196 10.51 -2.35 25.74
C ASP B 196 9.24 -1.65 25.26
N ASN B 197 9.43 -0.54 24.55
CA ASN B 197 8.34 0.28 24.02
C ASN B 197 8.39 0.27 22.49
N VAL B 198 7.23 0.17 21.84
CA VAL B 198 7.20 0.10 20.39
C VAL B 198 7.60 1.44 19.76
N TYR B 199 7.21 2.53 20.41
CA TYR B 199 7.47 3.86 19.89
C TYR B 199 8.95 4.19 19.95
N ASP B 200 9.67 3.44 20.76
CA ASP B 200 11.10 3.63 20.93
C ASP B 200 11.91 2.90 19.88
N ILE B 201 11.23 2.16 19.01
CA ILE B 201 11.89 1.53 17.88
C ILE B 201 12.48 2.62 16.96
N VAL B 202 13.72 2.43 16.54
CA VAL B 202 14.31 3.34 15.57
C VAL B 202 13.89 2.91 14.18
N TRP B 203 13.25 3.83 13.47
CA TRP B 203 12.72 3.56 12.13
C TRP B 203 13.84 3.58 11.09
N SER B 204 14.69 4.60 11.19
CA SER B 204 15.88 4.67 10.34
C SER B 204 16.89 5.62 10.97
N GLU B 205 18.13 5.57 10.47
CA GLU B 205 19.20 6.39 11.01
C GLU B 205 20.11 6.89 9.89
N PHE B 206 20.62 8.11 10.05
CA PHE B 206 21.49 8.70 9.05
C PHE B 206 22.54 9.62 9.67
N ASN B 207 23.79 9.17 9.66
CA ASN B 207 24.89 9.93 10.24
C ASN B 207 24.59 10.42 11.64
N GLY B 208 24.08 9.52 12.48
CA GLY B 208 23.82 9.84 13.87
C GLY B 208 22.37 10.11 14.22
N GLU B 209 21.68 10.86 13.36
CA GLU B 209 20.29 11.26 13.64
C GLU B 209 19.32 10.10 13.42
N LYS B 210 18.41 9.93 14.36
CA LYS B 210 17.50 8.79 14.34
C LYS B 210 16.05 9.24 14.29
N ILE B 211 15.30 8.62 13.38
CA ILE B 211 13.85 8.73 13.36
C ILE B 211 13.26 7.54 14.11
N LYS B 212 12.40 7.83 15.08
CA LYS B 212 11.78 6.80 15.89
C LYS B 212 10.41 6.41 15.33
N TYR B 213 9.93 5.24 15.74
CA TYR B 213 8.60 4.79 15.35
C TYR B 213 7.55 5.81 15.82
N ALA B 214 7.77 6.39 17.00
CA ALA B 214 6.88 7.43 17.49
C ALA B 214 6.78 8.65 16.55
N ASP B 215 7.91 9.05 15.98
CA ASP B 215 7.91 10.19 15.05
C ASP B 215 7.10 9.87 13.82
N VAL B 216 7.00 8.60 13.49
CA VAL B 216 6.24 8.17 12.32
C VAL B 216 4.78 7.86 12.65
N HIS B 217 4.50 7.32 13.84
CA HIS B 217 3.15 6.78 14.09
C HIS B 217 2.44 7.16 15.38
N LYS B 218 3.13 7.83 16.30
CA LYS B 218 2.50 8.19 17.56
C LYS B 218 1.25 9.03 17.32
N GLN B 219 1.34 9.94 16.35
CA GLN B 219 0.26 10.89 16.12
C GLN B 219 -0.95 10.20 15.51
N SER B 220 -0.69 9.28 14.59
CA SER B 220 -1.77 8.59 13.88
C SER B 220 -2.44 7.55 14.78
N GLU B 221 -1.65 6.98 15.69
CA GLU B 221 -2.23 6.09 16.69
C GLU B 221 -3.26 6.84 17.52
N TYR B 222 -2.89 8.02 18.01
CA TYR B 222 -3.84 8.82 18.75
C TYR B 222 -5.07 9.22 17.93
N GLU B 223 -4.85 9.86 16.78
CA GLU B 223 -5.95 10.41 15.99
C GLU B 223 -6.92 9.36 15.48
N PHE B 224 -6.41 8.23 14.99
CA PHE B 224 -7.28 7.14 14.57
C PHE B 224 -8.05 6.48 15.72
N SER B 225 -7.42 6.35 16.88
CA SER B 225 -8.14 5.84 18.05
C SER B 225 -9.27 6.79 18.41
N LYS B 226 -8.98 8.08 18.55
CA LYS B 226 -10.05 9.02 18.90
C LYS B 226 -11.15 8.94 17.85
N TYR B 227 -10.76 8.84 16.59
CA TYR B 227 -11.74 8.71 15.50
C TYR B 227 -12.54 7.39 15.58
N ASN B 228 -11.86 6.24 15.55
CA ASN B 228 -12.52 4.93 15.53
C ASN B 228 -13.40 4.71 16.76
N PHE B 229 -12.98 5.25 17.91
CA PHE B 229 -13.70 5.03 19.17
C PHE B 229 -14.77 6.08 19.46
N GLU B 230 -14.46 7.35 19.20
CA GLU B 230 -15.32 8.43 19.66
C GLU B 230 -16.06 9.17 18.54
N VAL B 231 -15.47 9.25 17.36
CA VAL B 231 -15.92 10.23 16.38
C VAL B 231 -16.67 9.73 15.14
N SER B 232 -16.36 8.52 14.66
CA SER B 232 -16.91 8.04 13.40
C SER B 232 -18.43 8.20 13.31
N ASP B 233 -18.94 8.47 12.11
CA ASP B 233 -20.39 8.56 11.93
C ASP B 233 -20.94 7.20 11.57
N VAL B 234 -21.78 6.67 12.46
CA VAL B 234 -22.27 5.31 12.36
C VAL B 234 -23.21 5.09 11.17
N LYS B 235 -24.09 6.05 10.92
CA LYS B 235 -24.96 5.96 9.76
C LYS B 235 -24.14 5.95 8.47
N ILE B 236 -23.13 6.82 8.40
CA ILE B 236 -22.26 6.88 7.23
C ILE B 236 -21.52 5.56 7.11
N LEU B 237 -20.94 5.10 8.22
CA LEU B 237 -20.20 3.85 8.17
C LEU B 237 -21.10 2.71 7.71
N ASN B 238 -22.37 2.75 8.09
CA ASN B 238 -23.29 1.66 7.73
C ASN B 238 -23.66 1.74 6.25
N GLU B 239 -23.82 2.96 5.74
CA GLU B 239 -23.99 3.18 4.30
C GLU B 239 -22.77 2.63 3.53
N GLN B 240 -21.57 2.91 4.02
CA GLN B 240 -20.36 2.39 3.40
C GLN B 240 -20.44 0.87 3.32
N PHE B 241 -20.70 0.25 4.46
CA PHE B 241 -20.84 -1.20 4.50
C PHE B 241 -21.87 -1.71 3.49
N GLU B 242 -23.07 -1.13 3.52
CA GLU B 242 -24.15 -1.57 2.63
C GLU B 242 -23.83 -1.39 1.15
N ASN B 243 -23.30 -0.22 0.79
CA ASN B 243 -22.95 0.07 -0.60
C ASN B 243 -21.80 -0.78 -1.07
N SER B 244 -20.84 -1.00 -0.17
CA SER B 244 -19.73 -1.87 -0.49
C SER B 244 -20.25 -3.29 -0.72
N TYR B 245 -21.23 -3.70 0.07
CA TYR B 245 -21.84 -5.02 -0.10
C TYR B 245 -22.54 -5.09 -1.44
N LYS B 246 -23.38 -4.08 -1.71
CA LYS B 246 -24.16 -4.07 -2.93
C LYS B 246 -23.29 -3.95 -4.19
N GLU B 247 -22.29 -3.10 -4.17
CA GLU B 247 -21.46 -2.92 -5.35
C GLU B 247 -20.61 -4.16 -5.63
N CYS B 248 -20.07 -4.77 -4.57
CA CYS B 248 -19.40 -6.07 -4.69
C CYS B 248 -20.23 -7.08 -5.50
N LYS B 249 -21.51 -7.24 -5.13
CA LYS B 249 -22.38 -8.19 -5.82
C LYS B 249 -22.70 -7.76 -7.26
N ASN B 250 -22.84 -6.46 -7.49
CA ASN B 250 -23.06 -5.96 -8.85
C ASN B 250 -21.91 -6.36 -9.77
N ILE B 251 -20.70 -6.33 -9.23
CA ILE B 251 -19.51 -6.58 -10.04
C ILE B 251 -19.37 -8.06 -10.31
N LEU B 252 -19.72 -8.87 -9.31
CA LEU B 252 -19.60 -10.32 -9.46
C LEU B 252 -20.62 -10.81 -10.49
N GLU B 253 -21.80 -10.21 -10.50
CA GLU B 253 -22.79 -10.49 -11.54
C GLU B 253 -22.17 -10.36 -12.92
N GLN B 254 -21.20 -9.46 -13.04
CA GLN B 254 -20.49 -9.21 -14.29
C GLN B 254 -19.23 -10.04 -14.47
N GLY B 255 -18.92 -10.89 -13.49
CA GLY B 255 -17.84 -11.84 -13.63
C GLY B 255 -16.45 -11.25 -13.44
N LEU B 256 -16.34 -10.19 -12.65
CA LEU B 256 -15.06 -9.50 -12.46
C LEU B 256 -14.62 -9.53 -11.00
N ALA B 257 -13.77 -10.48 -10.61
CA ALA B 257 -13.52 -10.67 -9.18
C ALA B 257 -12.60 -9.63 -8.54
N LEU B 258 -11.58 -9.18 -9.28
CA LEU B 258 -10.56 -8.27 -8.73
C LEU B 258 -11.13 -6.94 -8.21
N PRO B 259 -11.92 -6.25 -9.07
CA PRO B 259 -12.64 -5.02 -8.64
C PRO B 259 -13.73 -5.30 -7.60
N ALA B 260 -14.41 -6.44 -7.70
CA ALA B 260 -15.35 -6.88 -6.67
C ALA B 260 -14.65 -7.01 -5.34
N TYR B 261 -13.51 -7.68 -5.34
CA TYR B 261 -12.82 -7.99 -4.09
C TYR B 261 -12.40 -6.75 -3.29
N ASP B 262 -12.12 -5.64 -3.97
CA ASP B 262 -11.79 -4.41 -3.27
C ASP B 262 -12.93 -3.96 -2.36
N TYR B 263 -14.16 -4.05 -2.88
CA TYR B 263 -15.33 -3.66 -2.10
C TYR B 263 -15.57 -4.66 -0.93
N CYS B 264 -15.17 -5.92 -1.14
CA CYS B 264 -15.18 -6.93 -0.08
C CYS B 264 -14.24 -6.48 1.04
N LEU B 266 -13.37 -3.51 1.72
CA LEU B 266 -13.89 -2.30 2.33
C LEU B 266 -15.07 -2.63 3.28
N ALA B 267 -15.89 -3.60 2.91
CA ALA B 267 -16.95 -4.08 3.81
C ALA B 267 -16.36 -4.65 5.09
N ALA B 268 -15.37 -5.52 4.94
CA ALA B 268 -14.73 -6.13 6.09
C ALA B 268 -14.15 -5.08 7.03
N HIS B 269 -13.39 -4.14 6.46
CA HIS B 269 -12.80 -3.05 7.24
C HIS B 269 -13.85 -2.20 7.95
N THR B 270 -14.92 -1.87 7.24
CA THR B 270 -15.99 -1.05 7.79
C THR B 270 -16.65 -1.76 8.96
N PHE B 271 -16.82 -3.08 8.80
CA PHE B 271 -17.32 -3.89 9.88
C PHE B 271 -16.47 -3.62 11.11
N ASN B 272 -15.15 -3.70 10.94
CA ASN B 272 -14.24 -3.51 12.06
C ASN B 272 -14.35 -2.09 12.64
N LEU B 273 -14.62 -1.10 11.79
CA LEU B 273 -14.79 0.28 12.25
C LEU B 273 -16.05 0.40 13.10
N LEU B 274 -17.15 -0.17 12.62
CA LEU B 274 -18.39 -0.21 13.39
C LEU B 274 -18.22 -0.99 14.70
N ASP B 275 -17.51 -2.11 14.63
CA ASP B 275 -17.25 -2.95 15.82
C ASP B 275 -16.59 -2.09 16.90
N ALA B 276 -15.51 -1.43 16.50
CA ALA B 276 -14.75 -0.53 17.38
C ALA B 276 -15.53 0.66 17.90
N ARG B 277 -16.54 1.10 17.15
CA ARG B 277 -17.37 2.23 17.60
C ARG B 277 -18.39 1.78 18.65
N GLY B 278 -18.56 0.46 18.80
CA GLY B 278 -19.55 -0.09 19.70
C GLY B 278 -20.93 -0.12 19.07
N ALA B 279 -20.97 -0.21 17.73
CA ALA B 279 -22.23 -0.20 17.01
C ALA B 279 -22.67 -1.61 16.65
N ILE B 280 -21.95 -2.61 17.15
CA ILE B 280 -22.29 -3.99 16.82
C ILE B 280 -22.29 -4.87 18.07
N SER B 281 -23.48 -5.32 18.48
CA SER B 281 -23.57 -6.25 19.62
C SER B 281 -23.05 -7.65 19.26
N VAL B 282 -23.39 -8.64 20.08
CA VAL B 282 -23.06 -10.03 19.75
C VAL B 282 -24.19 -10.58 18.88
N ALA B 283 -25.39 -10.01 19.07
CA ALA B 283 -26.61 -10.39 18.36
C ALA B 283 -26.60 -10.05 16.87
N GLN B 284 -26.54 -8.76 16.53
CA GLN B 284 -26.48 -8.32 15.13
C GLN B 284 -25.08 -8.51 14.47
N ARG B 285 -24.17 -9.14 15.19
CA ARG B 285 -22.83 -9.40 14.69
C ARG B 285 -22.87 -10.43 13.57
N GLN B 286 -23.83 -11.34 13.65
CA GLN B 286 -23.95 -12.40 12.66
C GLN B 286 -24.49 -11.89 11.32
N ASP B 287 -25.23 -10.79 11.34
CA ASP B 287 -25.85 -10.26 10.14
C ASP B 287 -24.77 -9.66 9.22
N TYR B 288 -23.81 -8.98 9.82
CA TYR B 288 -22.66 -8.43 9.09
C TYR B 288 -21.74 -9.55 8.60
N LEU B 290 -22.21 -12.75 8.06
CA LEU B 290 -22.71 -13.60 7.00
C LEU B 290 -22.62 -12.88 5.65
N LYS B 291 -22.76 -11.56 5.68
CA LYS B 291 -22.57 -10.78 4.46
C LYS B 291 -21.12 -10.79 4.01
N ILE B 292 -20.21 -10.54 4.95
CA ILE B 292 -18.79 -10.56 4.58
C ILE B 292 -18.43 -11.92 4.03
N ARG B 293 -18.92 -12.97 4.69
CA ARG B 293 -18.63 -14.34 4.30
C ARG B 293 -19.12 -14.60 2.88
N GLU B 294 -20.34 -14.15 2.61
CA GLU B 294 -20.95 -14.34 1.32
C GLU B 294 -20.07 -13.65 0.24
N LEU B 295 -19.61 -12.44 0.56
CA LEU B 295 -18.82 -11.66 -0.40
C LEU B 295 -17.54 -12.38 -0.77
N SER B 296 -16.74 -12.71 0.23
CA SER B 296 -15.42 -13.29 0.00
C SER B 296 -15.53 -14.66 -0.67
N LYS B 297 -16.56 -15.42 -0.33
CA LYS B 297 -16.79 -16.71 -0.99
C LYS B 297 -17.16 -16.53 -2.46
N ASN B 298 -18.13 -15.66 -2.73
CA ASN B 298 -18.52 -15.38 -4.12
C ASN B 298 -17.38 -14.83 -4.97
N CYS B 299 -16.58 -13.94 -4.37
CA CYS B 299 -15.37 -13.41 -5.01
C CYS B 299 -14.41 -14.53 -5.35
N ALA B 300 -14.05 -15.32 -4.33
CA ALA B 300 -13.23 -16.50 -4.51
C ALA B 300 -13.74 -17.39 -5.65
N GLU B 301 -15.05 -17.63 -5.70
CA GLU B 301 -15.57 -18.57 -6.68
C GLU B 301 -15.39 -18.01 -8.07
N ILE B 302 -15.84 -16.77 -8.25
CA ILE B 302 -15.76 -16.17 -9.55
C ILE B 302 -14.32 -16.04 -10.03
N TYR B 303 -13.42 -15.71 -9.12
CA TYR B 303 -12.01 -15.59 -9.48
C TYR B 303 -11.52 -16.91 -10.07
N LYS B 304 -11.78 -18.00 -9.35
CA LYS B 304 -11.33 -19.31 -9.76
C LYS B 304 -11.95 -19.75 -11.09
N LYS B 305 -13.24 -19.51 -11.25
CA LYS B 305 -13.88 -19.74 -12.54
C LYS B 305 -13.15 -19.01 -13.68
N ASN B 306 -12.72 -17.77 -13.41
CA ASN B 306 -12.02 -16.97 -14.41
C ASN B 306 -10.64 -17.49 -14.77
N LEU B 307 -10.09 -18.39 -13.95
CA LEU B 307 -8.76 -18.95 -14.21
C LEU B 307 -8.77 -19.99 -15.32
N ASN B 308 -9.78 -20.84 -15.34
CA ASN B 308 -9.79 -21.95 -16.28
C ASN B 308 -10.72 -21.70 -17.45
#